data_3NHS
#
_entry.id   3NHS
#
_cell.length_a   56.356
_cell.length_b   84.049
_cell.length_c   106.734
_cell.angle_alpha   90.000
_cell.angle_beta   90.000
_cell.angle_gamma   90.000
#
_symmetry.space_group_name_H-M   'P 21 21 21'
#
loop_
_entity.id
_entity.type
_entity.pdbx_description
1 polymer 'Ribosyldihydronicotinamide dehydrogenase [quinone]'
2 non-polymer 'ZINC ION'
3 non-polymer 'FLAVIN-ADENINE DINUCLEOTIDE'
4 non-polymer 5,8-dimethoxy-4-methylquinolin-2(1H)-one
5 water water
#
_entity_poly.entity_id   1
_entity_poly.type   'polypeptide(L)'
_entity_poly.pdbx_seq_one_letter_code
;AGKKVLIVYAHQEPKSFNGSLKNVAVDELSRQGCTVTVSDLYAMNFEPRATDKDITGTLSNPEVFNYGVETHEAYKQRSL
ASDITDEQKKVREADLVIFQFPLYWFSVPAILKGWMDRVLCQGFAFDIPGFYDSGLLQGKLALLSVTTGGTAEMYTKTGV
NGDSRYFLWPLQHGTLHFCGFKVLAPQISFAPEIASEEERKGMVAAWSQRLQTIWKEEPIPCTAHWHFGQ
;
_entity_poly.pdbx_strand_id   A,B
#
loop_
_chem_comp.id
_chem_comp.type
_chem_comp.name
_chem_comp.formula
FAD non-polymer 'FLAVIN-ADENINE DINUCLEOTIDE' 'C27 H33 N9 O15 P2'
MZX non-polymer 5,8-dimethoxy-4-methylquinolin-2(1H)-one 'C12 H13 N O3'
ZN non-polymer 'ZINC ION' 'Zn 2'
#
# COMPACT_ATOMS: atom_id res chain seq x y z
N ALA A 1 30.47 -10.78 -1.66
CA ALA A 1 31.52 -10.75 -0.59
C ALA A 1 32.35 -9.44 -0.52
N GLY A 2 32.55 -8.84 0.68
CA GLY A 2 31.85 -9.18 1.95
C GLY A 2 30.70 -8.21 2.15
N LYS A 3 29.50 -8.68 1.87
CA LYS A 3 28.34 -7.83 1.75
C LYS A 3 27.17 -8.61 2.38
N LYS A 4 26.26 -7.93 3.04
CA LYS A 4 25.10 -8.63 3.59
C LYS A 4 23.85 -8.20 2.79
N VAL A 5 22.99 -9.18 2.46
CA VAL A 5 21.75 -8.94 1.75
C VAL A 5 20.56 -9.51 2.56
N LEU A 6 19.51 -8.67 2.66
CA LEU A 6 18.19 -9.11 3.21
C LEU A 6 17.25 -9.19 2.08
N ILE A 7 16.56 -10.35 1.90
CA ILE A 7 15.45 -10.41 0.95
C ILE A 7 14.13 -10.45 1.73
N VAL A 8 13.28 -9.42 1.56
CA VAL A 8 11.95 -9.42 2.18
C VAL A 8 11.01 -9.90 1.10
N TYR A 9 10.42 -11.06 1.37
CA TYR A 9 9.73 -11.81 0.38
C TYR A 9 8.25 -11.93 0.77
N ALA A 10 7.36 -11.64 -0.18
CA ALA A 10 5.91 -11.69 0.09
C ALA A 10 5.13 -12.48 -0.92
N HIS A 11 5.21 -13.80 -0.91
CA HIS A 11 4.30 -14.62 -1.71
C HIS A 11 3.91 -15.86 -0.94
N GLN A 12 2.66 -16.34 -1.13
CA GLN A 12 2.11 -17.41 -0.31
C GLN A 12 2.64 -18.80 -0.74
N GLU A 13 3.14 -18.87 -1.95
CA GLU A 13 3.42 -20.17 -2.61
C GLU A 13 4.91 -20.35 -2.97
N PRO A 14 5.59 -21.33 -2.32
CA PRO A 14 7.01 -21.56 -2.64
C PRO A 14 7.26 -21.90 -4.10
N LYS A 15 6.30 -22.58 -4.76
CA LYS A 15 6.45 -22.98 -6.17
C LYS A 15 6.06 -21.88 -7.15
N SER A 16 5.62 -20.74 -6.63
CA SER A 16 5.32 -19.60 -7.49
C SER A 16 6.49 -19.07 -8.25
N PHE A 17 6.21 -18.28 -9.28
CA PHE A 17 7.22 -17.49 -9.97
C PHE A 17 7.97 -16.50 -9.05
N ASN A 18 7.26 -15.88 -8.10
CA ASN A 18 8.02 -15.06 -7.09
C ASN A 18 9.00 -15.91 -6.31
N GLY A 19 8.54 -17.12 -5.95
CA GLY A 19 9.30 -18.16 -5.23
C GLY A 19 10.57 -18.49 -6.02
N SER A 20 10.42 -18.70 -7.34
CA SER A 20 11.61 -18.95 -8.13
C SER A 20 12.55 -17.78 -8.15
N LEU A 21 12.06 -16.54 -8.26
CA LEU A 21 12.95 -15.37 -8.21
C LEU A 21 13.72 -15.22 -6.88
N LYS A 22 13.03 -15.47 -5.80
CA LYS A 22 13.66 -15.38 -4.46
C LYS A 22 14.74 -16.46 -4.35
N ASN A 23 14.43 -17.68 -4.78
CA ASN A 23 15.39 -18.79 -4.72
C ASN A 23 16.58 -18.60 -5.59
N VAL A 24 16.40 -18.07 -6.83
CA VAL A 24 17.55 -17.67 -7.69
C VAL A 24 18.45 -16.53 -7.10
N ALA A 25 17.83 -15.59 -6.41
CA ALA A 25 18.54 -14.58 -5.72
C ALA A 25 19.37 -15.19 -4.60
N VAL A 26 18.75 -15.95 -3.71
CA VAL A 26 19.53 -16.59 -2.62
C VAL A 26 20.66 -17.44 -3.24
N ASP A 27 20.35 -18.27 -4.24
CA ASP A 27 21.44 -19.13 -4.87
C ASP A 27 22.61 -18.28 -5.43
N GLU A 28 22.29 -17.24 -6.19
CA GLU A 28 23.34 -16.48 -6.89
C GLU A 28 24.16 -15.61 -5.90
N LEU A 29 23.46 -15.02 -4.92
CA LEU A 29 24.12 -14.16 -3.98
C LEU A 29 24.96 -15.05 -3.01
N SER A 30 24.44 -16.20 -2.63
CA SER A 30 25.19 -17.14 -1.75
C SER A 30 26.44 -17.64 -2.52
N ARG A 31 26.27 -17.93 -3.81
CA ARG A 31 27.43 -18.33 -4.65
C ARG A 31 28.53 -17.28 -4.76
N GLN A 32 28.16 -16.01 -4.70
CA GLN A 32 29.12 -14.93 -4.73
C GLN A 32 29.86 -14.72 -3.41
N GLY A 33 29.36 -15.33 -2.36
CA GLY A 33 29.97 -15.24 -1.06
C GLY A 33 29.27 -14.25 -0.12
N CYS A 34 28.13 -13.68 -0.55
CA CYS A 34 27.36 -12.76 0.28
C CYS A 34 26.68 -13.50 1.45
N THR A 35 26.44 -12.76 2.50
CA THR A 35 25.69 -13.21 3.68
C THR A 35 24.27 -12.85 3.30
N VAL A 36 23.38 -13.83 3.35
CA VAL A 36 22.03 -13.67 2.83
C VAL A 36 21.03 -14.10 3.91
N THR A 37 20.04 -13.29 4.11
CA THR A 37 18.93 -13.64 4.99
C THR A 37 17.64 -13.33 4.31
N VAL A 38 16.59 -14.14 4.55
CA VAL A 38 15.31 -13.97 3.85
C VAL A 38 14.25 -13.78 4.95
N SER A 39 13.35 -12.80 4.82
CA SER A 39 12.17 -12.70 5.72
C SER A 39 11.01 -13.10 4.87
N ASP A 40 10.56 -14.39 5.00
CA ASP A 40 9.44 -14.90 4.28
C ASP A 40 8.16 -14.52 4.99
N LEU A 41 7.54 -13.38 4.62
CA LEU A 41 6.55 -12.83 5.53
C LEU A 41 5.36 -13.72 5.72
N TYR A 42 4.84 -14.35 4.66
CA TYR A 42 3.72 -15.20 4.87
C TYR A 42 4.03 -16.39 5.81
N ALA A 43 5.20 -16.98 5.59
CA ALA A 43 5.61 -18.12 6.50
C ALA A 43 5.80 -17.72 7.93
N MET A 44 6.18 -16.47 8.16
CA MET A 44 6.35 -15.97 9.50
C MET A 44 4.99 -15.58 10.14
N ASN A 45 3.91 -15.63 9.31
CA ASN A 45 2.57 -15.04 9.66
C ASN A 45 2.75 -13.58 10.12
N PHE A 46 3.60 -12.83 9.40
CA PHE A 46 4.00 -11.49 9.88
C PHE A 46 2.78 -10.58 10.10
N GLU A 47 2.74 -9.89 11.25
CA GLU A 47 1.55 -9.10 11.61
C GLU A 47 1.57 -7.78 10.78
N PRO A 48 0.55 -7.50 9.95
CA PRO A 48 0.63 -6.25 9.14
C PRO A 48 0.05 -5.04 9.84
N ARG A 49 -0.83 -5.26 10.84
CA ARG A 49 -1.50 -4.10 11.47
C ARG A 49 -0.64 -3.26 12.47
N ALA A 50 -0.79 -1.94 12.38
CA ALA A 50 -0.08 -0.97 13.28
C ALA A 50 -0.99 -0.90 14.50
N THR A 51 -0.64 -1.56 15.62
CA THR A 51 -1.53 -1.47 16.79
C THR A 51 -0.70 -1.28 18.05
N ASP A 52 -1.41 -1.12 19.18
CA ASP A 52 -0.70 -0.90 20.44
C ASP A 52 0.00 -2.15 20.96
N LYS A 53 -0.26 -3.29 20.32
CA LYS A 53 0.52 -4.50 20.60
C LYS A 53 1.99 -4.35 20.16
N ASP A 54 2.32 -3.30 19.39
CA ASP A 54 3.71 -3.11 18.91
C ASP A 54 4.67 -2.57 19.96
N ILE A 55 4.06 -2.21 21.10
CA ILE A 55 4.78 -1.64 22.24
C ILE A 55 4.58 -2.52 23.48
N THR A 56 5.71 -2.89 24.08
CA THR A 56 5.70 -3.73 25.28
C THR A 56 5.83 -2.80 26.48
N GLY A 57 5.39 -3.29 27.65
CA GLY A 57 5.35 -2.48 28.87
C GLY A 57 4.20 -1.49 28.78
N THR A 58 4.26 -0.41 29.55
CA THR A 58 3.13 0.53 29.59
C THR A 58 3.32 1.64 28.54
N LEU A 59 2.23 2.32 28.18
CA LEU A 59 2.27 3.30 27.08
C LEU A 59 2.55 4.73 27.58
N SER A 60 3.37 5.47 26.83
CA SER A 60 3.62 6.88 27.17
C SER A 60 2.39 7.77 26.99
N ASN A 61 1.19 7.13 27.07
CA ASN A 61 -0.16 7.77 27.11
C ASN A 61 -1.28 6.79 26.80
N PRO A 62 -1.77 6.03 27.81
CA PRO A 62 -2.71 4.95 27.47
C PRO A 62 -4.15 5.45 27.30
N GLU A 63 -4.29 6.76 27.03
CA GLU A 63 -5.61 7.45 27.02
C GLU A 63 -5.96 7.92 25.59
N VAL A 64 -4.96 8.43 24.89
CA VAL A 64 -5.06 8.77 23.46
C VAL A 64 -3.89 8.04 22.80
N PHE A 65 -4.19 6.92 22.11
CA PHE A 65 -3.17 6.17 21.35
C PHE A 65 -2.70 6.90 20.07
N ASN A 66 -1.42 7.19 19.93
CA ASN A 66 -0.86 7.78 18.71
C ASN A 66 0.27 6.84 18.25
N TYR A 67 0.10 6.15 17.14
CA TYR A 67 1.05 5.11 16.76
C TYR A 67 2.46 5.67 16.53
N GLY A 68 2.57 6.77 15.81
CA GLY A 68 3.85 7.36 15.42
C GLY A 68 4.67 7.76 16.65
N VAL A 69 3.92 8.27 17.64
CA VAL A 69 4.52 8.85 18.83
C VAL A 69 4.94 7.69 19.71
N GLU A 70 4.03 6.73 19.84
CA GLU A 70 4.21 5.60 20.75
C GLU A 70 5.37 4.71 20.33
N THR A 71 5.50 4.52 19.02
CA THR A 71 6.54 3.67 18.50
C THR A 71 7.85 4.39 18.49
N HIS A 72 7.78 5.72 18.40
CA HIS A 72 9.02 6.47 18.28
C HIS A 72 9.70 6.32 19.63
N GLU A 73 8.96 6.64 20.69
CA GLU A 73 9.43 6.53 22.09
C GLU A 73 9.84 5.09 22.43
N ALA A 74 9.07 4.11 21.98
CA ALA A 74 9.36 2.69 22.24
C ALA A 74 10.70 2.30 21.60
N TYR A 75 10.96 2.82 20.39
CA TYR A 75 12.19 2.53 19.72
C TYR A 75 13.37 3.02 20.57
N LYS A 76 13.30 4.29 21.00
CA LYS A 76 14.38 4.96 21.74
C LYS A 76 14.58 4.33 23.11
N GLN A 77 13.48 3.83 23.67
CA GLN A 77 13.49 3.12 24.95
C GLN A 77 13.60 1.61 24.90
N ARG A 78 14.00 1.08 23.76
CA ARG A 78 14.10 -0.39 23.54
C ARG A 78 12.88 -1.19 24.01
N SER A 79 11.69 -0.66 23.68
CA SER A 79 10.42 -1.24 24.11
C SER A 79 9.50 -1.70 22.93
N LEU A 80 10.04 -1.92 21.72
CA LEU A 80 9.19 -2.39 20.56
C LEU A 80 9.03 -3.90 20.65
N ALA A 81 7.89 -4.44 20.20
CA ALA A 81 7.69 -5.91 20.08
C ALA A 81 8.84 -6.62 19.32
N SER A 82 9.10 -7.86 19.73
CA SER A 82 10.28 -8.52 19.25
C SER A 82 10.19 -8.83 17.70
N ASP A 83 9.00 -9.11 17.15
CA ASP A 83 8.88 -9.23 15.68
C ASP A 83 9.46 -8.03 14.94
N ILE A 84 9.20 -6.81 15.43
CA ILE A 84 9.70 -5.60 14.81
C ILE A 84 11.19 -5.47 14.99
N THR A 85 11.67 -5.68 16.23
CA THR A 85 13.12 -5.46 16.42
C THR A 85 14.01 -6.55 15.76
N ASP A 86 13.49 -7.78 15.64
CA ASP A 86 14.12 -8.84 14.78
C ASP A 86 14.30 -8.30 13.36
N GLU A 87 13.26 -7.71 12.78
CA GLU A 87 13.40 -7.18 11.42
C GLU A 87 14.40 -6.00 11.36
N GLN A 88 14.31 -5.11 12.32
CA GLN A 88 15.23 -3.97 12.31
C GLN A 88 16.67 -4.40 12.42
N LYS A 89 16.96 -5.39 13.27
CA LYS A 89 18.29 -5.95 13.32
C LYS A 89 18.77 -6.43 11.95
N LYS A 90 17.94 -7.19 11.21
CA LYS A 90 18.30 -7.57 9.81
C LYS A 90 18.55 -6.42 8.85
N VAL A 91 17.74 -5.38 9.00
CA VAL A 91 17.89 -4.24 8.17
C VAL A 91 19.20 -3.45 8.49
N ARG A 92 19.44 -3.22 9.76
CA ARG A 92 20.66 -2.49 10.22
C ARG A 92 21.93 -3.16 9.68
N GLU A 93 21.97 -4.48 9.73
CA GLU A 93 23.14 -5.22 9.24
C GLU A 93 23.24 -5.29 7.68
N ALA A 94 22.14 -5.11 6.99
CA ALA A 94 22.13 -5.25 5.55
C ALA A 94 22.81 -4.14 4.72
N ASP A 95 23.53 -4.55 3.65
CA ASP A 95 24.09 -3.57 2.70
C ASP A 95 23.16 -3.38 1.50
N LEU A 96 22.24 -4.35 1.30
CA LEU A 96 21.29 -4.35 0.19
C LEU A 96 20.01 -5.03 0.69
N VAL A 97 18.89 -4.33 0.51
CA VAL A 97 17.57 -4.94 0.81
C VAL A 97 16.84 -5.11 -0.47
N ILE A 98 16.53 -6.35 -0.81
CA ILE A 98 15.74 -6.70 -1.96
C ILE A 98 14.28 -6.97 -1.50
N PHE A 99 13.29 -6.32 -2.12
CA PHE A 99 11.85 -6.68 -1.85
C PHE A 99 11.38 -7.44 -3.05
N GLN A 100 10.89 -8.65 -2.80
CA GLN A 100 10.39 -9.53 -3.84
C GLN A 100 8.89 -9.77 -3.67
N PHE A 101 8.03 -9.29 -4.62
CA PHE A 101 6.60 -9.38 -4.37
C PHE A 101 5.80 -9.24 -5.68
N PRO A 102 4.58 -9.87 -5.71
CA PRO A 102 3.65 -9.56 -6.86
C PRO A 102 3.03 -8.20 -6.60
N LEU A 103 2.82 -7.42 -7.66
CA LEU A 103 2.10 -6.13 -7.58
C LEU A 103 0.67 -6.39 -7.19
N TYR A 104 0.19 -5.79 -6.08
CA TYR A 104 -1.24 -5.88 -5.71
C TYR A 104 -1.73 -4.45 -5.69
N TRP A 105 -2.67 -4.15 -6.61
CA TRP A 105 -3.25 -2.78 -6.67
C TRP A 105 -2.22 -1.64 -6.76
N PHE A 106 -1.26 -1.84 -7.70
CA PHE A 106 -0.22 -0.86 -8.08
C PHE A 106 0.63 -0.59 -6.85
N SER A 107 0.77 -1.63 -5.97
CA SER A 107 1.52 -1.42 -4.77
C SER A 107 2.00 -2.77 -4.23
N VAL A 108 2.46 -2.76 -2.99
CA VAL A 108 2.87 -4.00 -2.36
C VAL A 108 1.63 -4.73 -1.72
N PRO A 109 1.65 -6.09 -1.63
CA PRO A 109 0.64 -6.89 -0.85
C PRO A 109 0.60 -6.25 0.55
N ALA A 110 -0.56 -6.27 1.18
CA ALA A 110 -0.71 -5.67 2.47
C ALA A 110 0.27 -6.24 3.52
N ILE A 111 0.64 -7.51 3.42
CA ILE A 111 1.56 -8.00 4.48
C ILE A 111 2.91 -7.28 4.39
N LEU A 112 3.32 -6.94 3.15
CA LEU A 112 4.61 -6.22 2.99
C LEU A 112 4.41 -4.76 3.33
N LYS A 113 3.19 -4.27 3.10
CA LYS A 113 2.90 -2.86 3.41
C LYS A 113 3.03 -2.72 4.93
N GLY A 114 2.54 -3.72 5.63
CA GLY A 114 2.67 -3.83 7.09
C GLY A 114 4.10 -3.93 7.62
N TRP A 115 4.97 -4.65 6.94
CA TRP A 115 6.40 -4.62 7.25
C TRP A 115 6.91 -3.17 7.18
N MET A 116 6.62 -2.45 6.08
CA MET A 116 7.09 -1.07 5.97
C MET A 116 6.53 -0.23 7.09
N ASP A 117 5.23 -0.36 7.37
CA ASP A 117 4.59 0.53 8.33
C ASP A 117 5.17 0.31 9.73
N ARG A 118 5.52 -0.95 10.06
CA ARG A 118 5.81 -1.31 11.48
C ARG A 118 7.33 -1.37 11.72
N VAL A 119 8.09 -1.82 10.72
CA VAL A 119 9.56 -1.88 10.89
C VAL A 119 10.27 -0.51 10.68
N LEU A 120 9.82 0.30 9.71
CA LEU A 120 10.52 1.52 9.36
C LEU A 120 10.07 2.66 10.24
N CYS A 121 10.32 2.56 11.55
CA CYS A 121 9.75 3.55 12.47
C CYS A 121 10.68 4.73 12.71
N GLN A 122 10.10 5.81 13.21
CA GLN A 122 10.86 7.02 13.41
C GLN A 122 11.88 6.73 14.53
N GLY A 123 13.12 7.20 14.32
CA GLY A 123 14.21 6.88 15.27
C GLY A 123 15.08 5.83 14.63
N PHE A 124 14.45 4.90 13.90
CA PHE A 124 15.20 3.81 13.21
C PHE A 124 15.53 4.18 11.77
N ALA A 125 14.50 4.46 10.95
CA ALA A 125 14.65 4.66 9.53
C ALA A 125 14.74 6.14 9.15
N PHE A 126 14.20 6.99 9.99
CA PHE A 126 14.22 8.41 9.68
C PHE A 126 13.93 9.12 10.98
N ASP A 127 14.12 10.43 10.96
CA ASP A 127 13.67 11.19 12.12
C ASP A 127 12.70 12.38 11.78
N ILE A 128 12.01 13.04 12.75
CA ILE A 128 11.11 14.25 12.41
C ILE A 128 11.61 15.53 13.11
N PRO A 129 12.44 16.31 12.40
CA PRO A 129 12.85 16.05 11.03
C PRO A 129 13.93 14.98 11.06
N GLY A 130 14.27 14.43 9.88
CA GLY A 130 15.10 13.21 9.76
C GLY A 130 15.24 12.39 8.46
N PHE A 131 14.89 12.98 7.31
CA PHE A 131 14.57 12.14 6.14
C PHE A 131 15.30 12.40 4.83
N TYR A 132 14.84 11.72 3.77
CA TYR A 132 15.41 11.75 2.42
C TYR A 132 16.89 11.66 2.57
N ASP A 133 17.54 12.81 2.81
CA ASP A 133 18.99 12.72 2.99
C ASP A 133 19.57 12.79 4.40
N SER A 134 19.10 13.67 5.28
CA SER A 134 19.30 13.44 6.72
C SER A 134 18.61 12.11 7.21
N GLY A 135 18.70 11.06 6.37
CA GLY A 135 17.77 9.89 6.41
C GLY A 135 18.56 8.63 6.80
N LEU A 136 18.17 8.05 7.92
CA LEU A 136 19.03 7.14 8.66
C LEU A 136 19.54 5.85 8.03
N LEU A 137 18.94 5.37 6.94
CA LEU A 137 19.47 4.19 6.32
C LEU A 137 20.42 4.52 5.18
N GLN A 138 20.95 5.77 5.14
CA GLN A 138 21.91 6.17 4.07
C GLN A 138 23.09 5.21 3.99
N GLY A 139 23.54 4.93 2.79
CA GLY A 139 24.63 3.98 2.62
C GLY A 139 24.11 2.65 2.13
N LYS A 140 22.90 2.27 2.56
CA LYS A 140 22.32 1.01 2.08
C LYS A 140 21.67 1.20 0.73
N LEU A 141 21.58 0.10 -0.02
CA LEU A 141 20.98 0.05 -1.28
C LEU A 141 19.64 -0.69 -1.12
N ALA A 142 18.69 -0.38 -1.96
CA ALA A 142 17.39 -1.09 -2.00
C ALA A 142 16.96 -1.37 -3.42
N LEU A 143 16.21 -2.43 -3.61
CA LEU A 143 15.86 -2.81 -4.93
C LEU A 143 14.49 -3.41 -4.87
N LEU A 144 13.55 -2.89 -5.65
CA LEU A 144 12.30 -3.61 -5.86
C LEU A 144 12.28 -4.61 -7.03
N SER A 145 11.94 -5.86 -6.75
CA SER A 145 11.73 -6.91 -7.74
C SER A 145 10.26 -7.31 -7.72
N VAL A 146 9.53 -6.87 -8.75
CA VAL A 146 8.09 -6.91 -8.78
C VAL A 146 7.69 -7.78 -9.95
N THR A 147 6.73 -8.63 -9.74
CA THR A 147 6.06 -9.31 -10.83
C THR A 147 4.66 -8.65 -11.06
N THR A 148 4.15 -8.70 -12.30
CA THR A 148 2.85 -8.07 -12.59
C THR A 148 1.93 -8.99 -13.30
N GLY A 149 0.61 -8.76 -13.25
CA GLY A 149 -0.26 -9.55 -14.08
C GLY A 149 -0.36 -8.97 -15.51
N GLY A 150 -0.19 -7.69 -15.64
CA GLY A 150 -0.45 -7.03 -16.92
C GLY A 150 0.84 -6.86 -17.68
N THR A 151 0.78 -7.12 -19.00
CA THR A 151 1.97 -7.11 -19.90
C THR A 151 2.62 -5.76 -19.96
N ALA A 152 3.87 -5.70 -20.44
CA ALA A 152 4.61 -4.45 -20.54
C ALA A 152 3.94 -3.37 -21.41
N GLU A 153 3.20 -3.76 -22.44
CA GLU A 153 2.54 -2.71 -23.26
C GLU A 153 1.47 -1.95 -22.44
N MET A 154 0.76 -2.67 -21.57
CA MET A 154 -0.21 -2.01 -20.66
C MET A 154 0.45 -0.98 -19.75
N TYR A 155 1.73 -1.19 -19.41
CA TYR A 155 2.50 -0.26 -18.55
C TYR A 155 3.36 0.79 -19.30
N THR A 156 2.88 1.20 -20.46
CA THR A 156 3.52 2.27 -21.23
C THR A 156 2.76 3.60 -20.96
N LYS A 157 3.36 4.74 -21.33
CA LYS A 157 2.82 6.04 -20.90
C LYS A 157 1.39 6.31 -21.43
N THR A 158 1.02 5.55 -22.47
CA THR A 158 -0.33 5.59 -23.07
C THR A 158 -0.97 4.21 -23.14
N GLY A 159 -0.43 3.29 -22.33
CA GLY A 159 -1.12 2.08 -21.97
C GLY A 159 -2.15 2.48 -20.90
N VAL A 160 -3.12 1.60 -20.71
CA VAL A 160 -4.22 1.82 -19.77
C VAL A 160 -3.77 2.11 -18.32
N ASN A 161 -2.64 1.50 -17.94
CA ASN A 161 -2.09 1.53 -16.57
C ASN A 161 -1.18 2.71 -16.35
N GLY A 162 -0.80 3.39 -17.44
CA GLY A 162 0.20 4.43 -17.37
C GLY A 162 1.56 3.77 -17.24
N ASP A 163 2.60 4.60 -17.08
CA ASP A 163 4.03 4.20 -16.96
C ASP A 163 4.27 3.49 -15.62
N SER A 164 4.94 2.33 -15.65
CA SER A 164 5.51 1.71 -14.43
C SER A 164 6.02 2.66 -13.42
N ARG A 165 6.75 3.68 -13.85
CA ARG A 165 7.37 4.51 -12.89
C ARG A 165 6.39 5.32 -12.04
N TYR A 166 5.17 5.48 -12.57
CA TYR A 166 4.09 6.14 -11.85
C TYR A 166 3.78 5.43 -10.53
N PHE A 167 3.64 4.11 -10.55
CA PHE A 167 3.35 3.40 -9.26
C PHE A 167 4.57 3.21 -8.37
N LEU A 168 5.79 3.43 -8.89
CA LEU A 168 6.98 3.21 -8.05
C LEU A 168 7.24 4.37 -7.15
N TRP A 169 6.65 5.52 -7.49
CA TRP A 169 6.88 6.71 -6.75
C TRP A 169 6.67 6.53 -5.24
N PRO A 170 5.51 5.99 -4.79
CA PRO A 170 5.32 5.95 -3.34
C PRO A 170 6.28 4.99 -2.65
N LEU A 171 6.68 3.96 -3.36
CA LEU A 171 7.60 2.93 -2.77
C LEU A 171 9.07 3.41 -2.86
N GLN A 172 9.48 3.82 -4.04
CA GLN A 172 10.90 4.17 -4.23
C GLN A 172 11.15 5.50 -3.63
N HIS A 173 10.26 6.46 -3.89
CA HIS A 173 10.64 7.79 -3.39
C HIS A 173 10.08 8.02 -2.03
N GLY A 174 8.80 7.74 -1.86
CA GLY A 174 8.17 8.14 -0.64
C GLY A 174 8.52 7.20 0.51
N THR A 175 9.04 6.01 0.21
CA THR A 175 9.43 5.08 1.29
C THR A 175 10.99 4.88 1.34
N LEU A 176 11.56 4.28 0.32
CA LEU A 176 13.01 3.90 0.34
C LEU A 176 13.89 5.17 0.35
N HIS A 177 13.71 6.05 -0.62
CA HIS A 177 14.46 7.37 -0.58
C HIS A 177 14.26 8.11 0.74
N PHE A 178 13.04 8.15 1.26
CA PHE A 178 12.79 8.90 2.42
C PHE A 178 13.67 8.44 3.55
N CYS A 179 13.77 7.14 3.72
CA CYS A 179 14.60 6.54 4.73
C CYS A 179 16.12 6.62 4.43
N GLY A 180 16.55 7.10 3.27
CA GLY A 180 18.00 7.22 3.02
C GLY A 180 18.61 6.23 2.05
N PHE A 181 17.84 5.23 1.61
CA PHE A 181 18.34 4.29 0.63
C PHE A 181 18.72 4.91 -0.69
N LYS A 182 19.73 4.35 -1.34
CA LYS A 182 19.95 4.56 -2.73
C LYS A 182 19.17 3.46 -3.40
N VAL A 183 18.37 3.81 -4.41
CA VAL A 183 17.52 2.85 -5.02
C VAL A 183 18.10 2.38 -6.30
N LEU A 184 18.39 1.11 -6.36
CA LEU A 184 18.64 0.49 -7.64
C LEU A 184 17.44 0.43 -8.52
N ALA A 185 17.69 0.47 -9.82
CA ALA A 185 16.66 0.28 -10.79
C ALA A 185 15.80 -0.95 -10.49
N PRO A 186 14.47 -0.82 -10.58
CA PRO A 186 13.63 -1.98 -10.25
C PRO A 186 13.67 -3.10 -11.26
N GLN A 187 13.54 -4.32 -10.77
CA GLN A 187 13.52 -5.45 -11.62
C GLN A 187 12.03 -5.68 -11.78
N ILE A 188 11.48 -5.44 -12.98
CA ILE A 188 10.06 -5.70 -13.17
C ILE A 188 9.91 -6.86 -14.09
N SER A 189 9.25 -7.92 -13.65
CA SER A 189 8.99 -9.07 -14.43
C SER A 189 7.54 -9.11 -14.89
N PHE A 190 7.29 -8.55 -16.08
CA PHE A 190 5.89 -8.49 -16.62
C PHE A 190 5.25 -9.76 -16.97
N ALA A 191 4.10 -10.02 -16.37
CA ALA A 191 3.11 -10.96 -16.81
C ALA A 191 3.57 -12.42 -16.99
N PRO A 192 4.07 -13.06 -15.91
CA PRO A 192 4.46 -14.46 -16.00
C PRO A 192 3.31 -15.47 -16.11
N GLU A 193 2.09 -15.11 -15.75
CA GLU A 193 1.08 -16.13 -15.75
C GLU A 193 0.78 -16.55 -17.21
N ILE A 194 0.99 -15.62 -18.14
CA ILE A 194 0.66 -15.86 -19.54
C ILE A 194 1.84 -16.51 -20.27
N ALA A 195 2.74 -17.09 -19.46
CA ALA A 195 3.87 -17.97 -19.85
C ALA A 195 4.76 -17.30 -20.91
N SER A 196 5.45 -18.04 -21.81
CA SER A 196 5.56 -19.52 -21.87
C SER A 196 6.53 -20.13 -20.87
N GLU A 197 6.36 -21.43 -20.59
CA GLU A 197 7.26 -22.18 -19.70
C GLU A 197 8.73 -21.84 -20.02
N GLU A 198 8.96 -21.55 -21.30
CA GLU A 198 10.25 -21.10 -21.85
C GLU A 198 10.66 -19.67 -21.48
N GLU A 199 9.86 -18.66 -21.84
CA GLU A 199 10.30 -17.26 -21.64
C GLU A 199 10.18 -16.81 -20.18
N ARG A 200 9.45 -17.61 -19.41
CA ARG A 200 9.51 -17.57 -17.94
C ARG A 200 10.94 -17.86 -17.43
N LYS A 201 11.74 -18.49 -18.27
CA LYS A 201 13.17 -18.72 -18.00
C LYS A 201 14.06 -17.54 -18.35
N GLY A 202 13.77 -16.86 -19.43
CA GLY A 202 14.56 -15.69 -19.79
C GLY A 202 14.52 -14.60 -18.73
N MET A 203 13.38 -14.50 -18.05
CA MET A 203 13.18 -13.52 -16.99
C MET A 203 13.94 -13.91 -15.70
N VAL A 204 13.82 -15.18 -15.31
CA VAL A 204 14.58 -15.75 -14.16
C VAL A 204 16.10 -15.61 -14.40
N ALA A 205 16.57 -15.88 -15.62
CA ALA A 205 17.99 -15.72 -15.90
C ALA A 205 18.41 -14.30 -15.94
N ALA A 206 17.62 -13.38 -16.50
CA ALA A 206 18.07 -11.99 -16.49
C ALA A 206 18.23 -11.46 -15.07
N TRP A 207 17.38 -12.00 -14.20
CA TRP A 207 17.45 -11.61 -12.80
C TRP A 207 18.73 -12.25 -12.20
N SER A 208 18.87 -13.57 -12.32
CA SER A 208 20.15 -14.28 -11.97
C SER A 208 21.35 -13.53 -12.53
N GLN A 209 21.35 -13.24 -13.84
CA GLN A 209 22.53 -12.56 -14.47
C GLN A 209 22.67 -11.16 -14.00
N ARG A 210 21.57 -10.44 -13.86
CA ARG A 210 21.72 -9.10 -13.27
C ARG A 210 22.34 -9.12 -11.84
N LEU A 211 21.98 -10.11 -11.04
CA LEU A 211 22.51 -10.21 -9.67
C LEU A 211 24.02 -10.47 -9.66
N GLN A 212 24.51 -11.12 -10.72
CA GLN A 212 25.99 -11.27 -10.93
C GLN A 212 26.80 -9.98 -10.81
N THR A 213 26.24 -8.83 -11.23
CA THR A 213 27.01 -7.58 -11.18
C THR A 213 26.30 -6.50 -10.40
N ILE A 214 25.52 -6.94 -9.41
CA ILE A 214 24.67 -6.02 -8.72
C ILE A 214 25.42 -4.94 -7.98
N TRP A 215 26.61 -5.24 -7.44
CA TRP A 215 27.41 -4.30 -6.60
C TRP A 215 28.18 -3.23 -7.41
N LYS A 216 28.15 -3.39 -8.72
CA LYS A 216 28.75 -2.42 -9.68
C LYS A 216 27.72 -1.38 -10.10
N GLU A 217 26.46 -1.60 -9.73
CA GLU A 217 25.38 -0.79 -10.30
C GLU A 217 25.30 0.63 -9.82
N GLU A 218 24.78 1.47 -10.70
CA GLU A 218 24.50 2.83 -10.33
C GLU A 218 23.04 2.93 -9.88
N PRO A 219 22.84 3.53 -8.70
CA PRO A 219 21.48 3.89 -8.24
C PRO A 219 20.78 4.73 -9.31
N ILE A 220 19.45 4.62 -9.38
CA ILE A 220 18.68 5.58 -10.19
C ILE A 220 18.74 6.97 -9.51
N PRO A 221 18.49 8.05 -10.27
CA PRO A 221 18.32 9.34 -9.57
C PRO A 221 16.85 9.41 -9.09
N CYS A 222 16.64 9.55 -7.78
CA CYS A 222 15.29 9.25 -7.24
C CYS A 222 14.55 10.56 -7.07
N THR A 223 14.05 11.03 -8.19
CA THR A 223 13.54 12.39 -8.23
C THR A 223 12.20 12.33 -8.95
N ALA A 224 11.41 13.38 -8.76
CA ALA A 224 10.19 13.56 -9.53
C ALA A 224 10.43 13.40 -11.03
N HIS A 225 11.55 13.93 -11.52
CA HIS A 225 11.89 13.82 -12.94
C HIS A 225 12.07 12.36 -13.47
N TRP A 226 12.81 11.53 -12.73
CA TRP A 226 12.90 10.14 -13.12
C TRP A 226 11.53 9.44 -13.24
N HIS A 227 10.63 9.63 -12.28
CA HIS A 227 9.35 8.87 -12.31
C HIS A 227 8.31 9.46 -13.26
N PHE A 228 8.39 10.77 -13.45
CA PHE A 228 7.35 11.50 -14.16
C PHE A 228 7.79 12.22 -15.43
N GLY A 229 8.85 13.05 -15.33
CA GLY A 229 9.29 13.97 -16.42
C GLY A 229 9.84 13.29 -17.68
N GLN A 230 10.49 14.08 -18.56
CA GLN A 230 11.09 13.54 -19.82
C GLN A 230 12.66 13.47 -19.83
N ALA B 1 -30.43 12.85 0.12
CA ALA B 1 -31.63 12.13 -0.45
C ALA B 1 -31.53 10.63 -0.10
N GLY B 2 -32.15 9.77 -0.94
CA GLY B 2 -32.12 8.27 -0.85
C GLY B 2 -30.85 7.60 -1.38
N LYS B 3 -29.81 7.62 -0.57
CA LYS B 3 -28.49 7.24 -1.01
C LYS B 3 -27.92 6.46 0.15
N LYS B 4 -27.07 5.45 -0.16
CA LYS B 4 -26.38 4.65 0.82
C LYS B 4 -24.90 5.03 0.76
N VAL B 5 -24.27 5.21 1.93
CA VAL B 5 -22.86 5.56 2.00
C VAL B 5 -22.09 4.52 2.87
N LEU B 6 -20.95 4.03 2.39
CA LEU B 6 -20.11 3.17 3.27
C LEU B 6 -18.89 4.02 3.58
N ILE B 7 -18.51 4.11 4.84
CA ILE B 7 -17.21 4.71 5.20
C ILE B 7 -16.29 3.58 5.67
N VAL B 8 -15.15 3.43 4.99
CA VAL B 8 -14.15 2.42 5.37
C VAL B 8 -13.09 3.24 6.13
N TYR B 9 -13.02 3.04 7.44
CA TYR B 9 -12.22 3.87 8.33
C TYR B 9 -11.03 3.09 8.94
N ALA B 10 -9.81 3.69 8.93
CA ALA B 10 -8.60 2.99 9.37
C ALA B 10 -7.81 3.87 10.29
N HIS B 11 -8.19 3.92 11.57
CA HIS B 11 -7.40 4.62 12.58
C HIS B 11 -7.70 3.90 13.91
N GLN B 12 -6.66 3.75 14.69
CA GLN B 12 -6.75 3.01 15.93
C GLN B 12 -7.49 3.76 17.06
N GLU B 13 -7.53 5.09 16.97
CA GLU B 13 -7.88 5.92 18.13
C GLU B 13 -9.16 6.77 17.86
N PRO B 14 -10.26 6.50 18.59
CA PRO B 14 -11.53 7.21 18.31
C PRO B 14 -11.39 8.77 18.48
N LYS B 15 -10.49 9.20 19.35
CA LYS B 15 -10.37 10.62 19.67
C LYS B 15 -9.44 11.33 18.71
N SER B 16 -8.97 10.60 17.70
CA SER B 16 -8.02 11.19 16.72
C SER B 16 -8.70 12.17 15.80
N PHE B 17 -7.88 12.95 15.11
CA PHE B 17 -8.36 13.79 14.01
C PHE B 17 -9.11 12.95 12.98
N ASN B 18 -8.61 11.74 12.69
CA ASN B 18 -9.35 10.88 11.72
C ASN B 18 -10.70 10.50 12.29
N GLY B 19 -10.76 10.18 13.59
CA GLY B 19 -12.00 9.74 14.16
C GLY B 19 -12.97 10.90 14.04
N SER B 20 -12.50 12.13 14.27
CA SER B 20 -13.37 13.32 14.13
C SER B 20 -13.96 13.51 12.71
N LEU B 21 -13.11 13.35 11.72
CA LEU B 21 -13.55 13.49 10.32
C LEU B 21 -14.56 12.36 10.04
N LYS B 22 -14.30 11.15 10.52
CA LYS B 22 -15.26 10.04 10.33
C LYS B 22 -16.60 10.42 11.06
N ASN B 23 -16.50 10.96 12.28
CA ASN B 23 -17.75 11.20 12.98
C ASN B 23 -18.58 12.33 12.36
N VAL B 24 -17.92 13.42 11.91
CA VAL B 24 -18.66 14.48 11.24
C VAL B 24 -19.31 13.98 9.92
N ALA B 25 -18.65 13.07 9.21
CA ALA B 25 -19.21 12.47 8.02
C ALA B 25 -20.46 11.75 8.39
N VAL B 26 -20.40 10.93 9.46
CA VAL B 26 -21.58 10.15 9.83
C VAL B 26 -22.68 11.15 10.21
N ASP B 27 -22.33 12.14 11.02
CA ASP B 27 -23.34 13.13 11.58
C ASP B 27 -24.01 13.85 10.40
N GLU B 28 -23.21 14.33 9.47
CA GLU B 28 -23.75 15.11 8.34
C GLU B 28 -24.56 14.30 7.33
N LEU B 29 -24.05 13.13 6.93
CA LEU B 29 -24.79 12.29 6.02
C LEU B 29 -26.04 11.71 6.65
N SER B 30 -25.97 11.35 7.93
CA SER B 30 -27.18 11.02 8.71
C SER B 30 -28.24 12.13 8.70
N ARG B 31 -27.79 13.34 9.01
CA ARG B 31 -28.67 14.50 9.03
C ARG B 31 -29.38 14.65 7.70
N GLN B 32 -28.69 14.46 6.59
CA GLN B 32 -29.31 14.56 5.28
C GLN B 32 -30.32 13.46 5.00
N GLY B 33 -30.34 12.40 5.82
CA GLY B 33 -31.30 11.31 5.56
C GLY B 33 -30.67 10.13 4.84
N CYS B 34 -29.35 10.18 4.55
CA CYS B 34 -28.63 9.06 3.90
C CYS B 34 -28.58 7.88 4.84
N THR B 35 -28.50 6.66 4.27
CA THR B 35 -28.22 5.50 5.01
C THR B 35 -26.69 5.39 5.09
N VAL B 36 -26.16 5.12 6.28
CA VAL B 36 -24.75 5.19 6.54
C VAL B 36 -24.27 3.98 7.29
N THR B 37 -23.20 3.38 6.76
CA THR B 37 -22.50 2.27 7.42
C THR B 37 -21.01 2.56 7.53
N VAL B 38 -20.36 2.12 8.61
CA VAL B 38 -18.94 2.36 8.83
C VAL B 38 -18.24 1.02 9.07
N SER B 39 -17.22 0.72 8.28
CA SER B 39 -16.40 -0.41 8.61
C SER B 39 -15.16 0.09 9.36
N ASP B 40 -15.12 -0.12 10.68
CA ASP B 40 -14.00 0.46 11.45
C ASP B 40 -12.94 -0.66 11.52
N LEU B 41 -11.91 -0.64 10.62
CA LEU B 41 -11.17 -1.83 10.40
C LEU B 41 -10.39 -2.28 11.65
N TYR B 42 -9.74 -1.36 12.38
CA TYR B 42 -9.00 -1.80 13.54
C TYR B 42 -9.90 -2.37 14.63
N ALA B 43 -11.05 -1.73 14.85
CA ALA B 43 -11.96 -2.25 15.88
C ALA B 43 -12.57 -3.62 15.45
N MET B 44 -12.63 -3.90 14.15
CA MET B 44 -13.07 -5.23 13.64
C MET B 44 -11.90 -6.28 13.69
N ASN B 45 -10.65 -5.83 13.98
CA ASN B 45 -9.47 -6.70 13.82
C ASN B 45 -9.42 -7.27 12.39
N PHE B 46 -9.72 -6.43 11.38
CA PHE B 46 -9.86 -6.90 10.05
C PHE B 46 -8.58 -7.57 9.60
N GLU B 47 -8.70 -8.75 9.02
CA GLU B 47 -7.49 -9.55 8.60
C GLU B 47 -6.93 -8.96 7.30
N PRO B 48 -5.69 -8.42 7.27
CA PRO B 48 -5.17 -7.84 6.01
C PRO B 48 -4.50 -8.84 5.09
N ARG B 49 -4.08 -10.00 5.62
CA ARG B 49 -3.28 -10.93 4.76
C ARG B 49 -4.14 -11.73 3.77
N ALA B 50 -3.68 -11.80 2.52
CA ALA B 50 -4.31 -12.57 1.53
C ALA B 50 -3.77 -13.98 1.67
N THR B 51 -4.57 -14.91 2.19
CA THR B 51 -4.04 -16.24 2.46
C THR B 51 -5.06 -17.27 1.97
N ASP B 52 -4.62 -18.52 1.95
CA ASP B 52 -5.51 -19.63 1.59
C ASP B 52 -6.66 -19.84 2.59
N LYS B 53 -6.60 -19.22 3.76
CA LYS B 53 -7.76 -19.18 4.66
C LYS B 53 -8.97 -18.37 4.14
N ASP B 54 -8.83 -17.68 3.03
CA ASP B 54 -9.93 -16.87 2.49
C ASP B 54 -10.86 -17.69 1.59
N ILE B 55 -10.52 -18.96 1.36
CA ILE B 55 -11.34 -19.85 0.48
C ILE B 55 -11.76 -20.99 1.42
N THR B 56 -13.03 -21.34 1.45
CA THR B 56 -13.43 -22.42 2.39
C THR B 56 -13.50 -23.79 1.69
N GLY B 57 -13.67 -23.85 0.38
CA GLY B 57 -13.88 -25.18 -0.27
C GLY B 57 -12.67 -25.85 -0.93
N THR B 58 -12.92 -26.89 -1.73
CA THR B 58 -11.85 -27.48 -2.50
C THR B 58 -11.20 -26.43 -3.40
N LEU B 59 -9.88 -26.36 -3.34
CA LEU B 59 -9.10 -25.47 -4.21
C LEU B 59 -9.04 -25.94 -5.63
N SER B 60 -9.13 -24.99 -6.57
CA SER B 60 -9.06 -25.34 -7.96
C SER B 60 -7.73 -26.07 -8.23
N ASN B 61 -6.66 -25.66 -7.54
CA ASN B 61 -5.37 -26.32 -7.68
C ASN B 61 -4.62 -26.31 -6.37
N PRO B 62 -4.74 -27.40 -5.58
CA PRO B 62 -4.08 -27.41 -4.26
C PRO B 62 -2.55 -27.63 -4.34
N GLU B 63 -2.02 -28.06 -5.50
CA GLU B 63 -0.54 -28.27 -5.69
C GLU B 63 0.23 -26.92 -5.70
N VAL B 64 -0.35 -25.90 -6.34
CA VAL B 64 0.29 -24.60 -6.52
C VAL B 64 -0.78 -23.50 -6.30
N PHE B 65 -0.73 -22.90 -5.12
CA PHE B 65 -1.73 -21.92 -4.68
C PHE B 65 -1.53 -20.54 -5.33
N ASN B 66 -2.55 -20.04 -6.03
CA ASN B 66 -2.53 -18.76 -6.73
C ASN B 66 -3.73 -17.99 -6.17
N TYR B 67 -3.46 -16.92 -5.41
CA TYR B 67 -4.47 -16.28 -4.59
C TYR B 67 -5.53 -15.70 -5.56
N GLY B 68 -5.11 -15.06 -6.66
CA GLY B 68 -6.10 -14.45 -7.60
C GLY B 68 -7.02 -15.49 -8.27
N VAL B 69 -6.42 -16.57 -8.77
CA VAL B 69 -7.27 -17.66 -9.34
C VAL B 69 -8.21 -18.26 -8.31
N GLU B 70 -7.69 -18.65 -7.14
CA GLU B 70 -8.55 -19.24 -6.14
C GLU B 70 -9.66 -18.34 -5.62
N THR B 71 -9.37 -17.05 -5.37
CA THR B 71 -10.45 -16.19 -4.97
C THR B 71 -11.48 -15.88 -6.02
N HIS B 72 -11.08 -15.80 -7.29
CA HIS B 72 -12.02 -15.60 -8.34
C HIS B 72 -12.99 -16.80 -8.38
N GLU B 73 -12.41 -18.00 -8.33
CA GLU B 73 -13.24 -19.20 -8.33
C GLU B 73 -14.08 -19.31 -7.09
N ALA B 74 -13.52 -18.95 -5.93
CA ALA B 74 -14.32 -18.99 -4.67
C ALA B 74 -15.47 -17.99 -4.71
N TYR B 75 -15.24 -16.82 -5.30
CA TYR B 75 -16.30 -15.82 -5.42
C TYR B 75 -17.46 -16.45 -6.21
N LYS B 76 -17.14 -16.97 -7.39
CA LYS B 76 -18.19 -17.64 -8.23
C LYS B 76 -18.94 -18.76 -7.51
N GLN B 77 -18.23 -19.49 -6.67
CA GLN B 77 -18.81 -20.68 -6.04
C GLN B 77 -19.46 -20.35 -4.74
N ARG B 78 -19.37 -19.09 -4.29
CA ARG B 78 -19.70 -18.70 -2.91
C ARG B 78 -18.99 -19.43 -1.78
N SER B 79 -17.66 -19.57 -1.92
CA SER B 79 -16.92 -20.21 -0.89
C SER B 79 -15.85 -19.28 -0.34
N LEU B 80 -16.05 -17.97 -0.48
CA LEU B 80 -15.11 -17.03 0.15
C LEU B 80 -15.40 -16.92 1.63
N ALA B 81 -14.41 -16.51 2.44
CA ALA B 81 -14.57 -16.40 3.88
C ALA B 81 -15.64 -15.33 4.09
N SER B 82 -16.45 -15.50 5.15
CA SER B 82 -17.53 -14.56 5.38
C SER B 82 -17.11 -13.12 5.76
N ASP B 83 -15.90 -12.89 6.25
CA ASP B 83 -15.51 -11.46 6.52
C ASP B 83 -15.38 -10.70 5.19
N ILE B 84 -14.96 -11.42 4.16
CA ILE B 84 -14.86 -10.84 2.81
C ILE B 84 -16.28 -10.58 2.28
N THR B 85 -17.15 -11.60 2.32
CA THR B 85 -18.46 -11.40 1.75
C THR B 85 -19.25 -10.34 2.51
N ASP B 86 -19.10 -10.25 3.82
CA ASP B 86 -19.74 -9.17 4.56
C ASP B 86 -19.37 -7.80 3.97
N GLU B 87 -18.08 -7.62 3.62
CA GLU B 87 -17.71 -6.32 3.15
C GLU B 87 -18.22 -6.06 1.73
N GLN B 88 -18.21 -7.11 0.95
CA GLN B 88 -18.72 -6.99 -0.41
C GLN B 88 -20.19 -6.58 -0.43
N LYS B 89 -20.96 -7.09 0.53
CA LYS B 89 -22.34 -6.70 0.63
C LYS B 89 -22.48 -5.21 0.92
N LYS B 90 -21.63 -4.66 1.78
CA LYS B 90 -21.67 -3.22 2.07
C LYS B 90 -21.35 -2.41 0.82
N VAL B 91 -20.33 -2.84 0.11
CA VAL B 91 -19.90 -2.06 -1.05
C VAL B 91 -20.98 -2.21 -2.18
N ARG B 92 -21.55 -3.42 -2.37
CA ARG B 92 -22.63 -3.62 -3.39
C ARG B 92 -23.81 -2.68 -3.18
N GLU B 93 -24.24 -2.54 -1.93
CA GLU B 93 -25.33 -1.64 -1.58
C GLU B 93 -25.00 -0.15 -1.61
N ALA B 94 -23.73 0.18 -1.45
CA ALA B 94 -23.42 1.61 -1.27
C ALA B 94 -23.49 2.39 -2.64
N ASP B 95 -23.88 3.66 -2.58
CA ASP B 95 -23.81 4.58 -3.73
C ASP B 95 -22.51 5.39 -3.73
N LEU B 96 -21.94 5.57 -2.55
CA LEU B 96 -20.66 6.33 -2.36
C LEU B 96 -19.86 5.54 -1.32
N VAL B 97 -18.59 5.36 -1.63
CA VAL B 97 -17.66 4.73 -0.64
C VAL B 97 -16.66 5.79 -0.28
N ILE B 98 -16.59 6.15 0.99
CA ILE B 98 -15.53 7.07 1.48
C ILE B 98 -14.50 6.30 2.24
N PHE B 99 -13.21 6.60 1.98
CA PHE B 99 -12.10 5.93 2.65
C PHE B 99 -11.53 7.02 3.54
N GLN B 100 -11.55 6.84 4.86
CA GLN B 100 -10.97 7.79 5.79
C GLN B 100 -9.70 7.20 6.42
N PHE B 101 -8.53 7.83 6.24
CA PHE B 101 -7.32 7.27 6.78
C PHE B 101 -6.22 8.29 6.83
N PRO B 102 -5.25 8.04 7.73
CA PRO B 102 -3.96 8.81 7.75
C PRO B 102 -3.06 8.20 6.67
N LEU B 103 -2.40 9.08 5.95
CA LEU B 103 -1.39 8.64 4.99
C LEU B 103 -0.24 7.91 5.68
N TYR B 104 0.02 6.65 5.26
CA TYR B 104 1.19 5.87 5.75
C TYR B 104 2.07 5.53 4.52
N TRP B 105 3.29 6.06 4.49
CA TRP B 105 4.19 5.80 3.41
C TRP B 105 3.59 6.09 2.06
N PHE B 106 2.94 7.30 1.97
CA PHE B 106 2.43 7.77 0.66
C PHE B 106 1.30 6.85 0.13
N SER B 107 0.64 6.14 1.06
CA SER B 107 -0.39 5.16 0.67
C SER B 107 -1.31 4.92 1.90
N VAL B 108 -2.18 3.88 1.81
CA VAL B 108 -3.05 3.59 2.91
C VAL B 108 -2.29 2.72 3.96
N PRO B 109 -2.73 2.71 5.23
CA PRO B 109 -2.23 1.83 6.24
C PRO B 109 -2.50 0.40 5.75
N ALA B 110 -1.62 -0.49 6.16
CA ALA B 110 -1.73 -1.87 5.71
C ALA B 110 -3.08 -2.49 5.94
N ILE B 111 -3.72 -2.16 7.06
CA ILE B 111 -5.01 -2.83 7.32
C ILE B 111 -6.05 -2.50 6.23
N LEU B 112 -5.95 -1.30 5.72
CA LEU B 112 -6.81 -0.80 4.60
C LEU B 112 -6.28 -1.35 3.31
N LYS B 113 -4.98 -1.45 3.14
CA LYS B 113 -4.48 -2.12 1.91
C LYS B 113 -5.03 -3.55 1.86
N GLY B 114 -5.15 -4.23 3.03
CA GLY B 114 -5.65 -5.61 3.04
C GLY B 114 -7.14 -5.71 2.69
N TRP B 115 -7.91 -4.73 3.09
CA TRP B 115 -9.31 -4.62 2.71
C TRP B 115 -9.34 -4.52 1.16
N MET B 116 -8.54 -3.66 0.58
CA MET B 116 -8.55 -3.57 -0.88
C MET B 116 -8.13 -4.95 -1.49
N ASP B 117 -7.05 -5.55 -0.96
CA ASP B 117 -6.53 -6.75 -1.60
C ASP B 117 -7.56 -7.86 -1.55
N ARG B 118 -8.22 -7.97 -0.39
CA ARG B 118 -9.14 -9.07 -0.16
C ARG B 118 -10.58 -8.85 -0.57
N VAL B 119 -11.13 -7.64 -0.47
CA VAL B 119 -12.52 -7.46 -0.76
C VAL B 119 -12.78 -7.23 -2.28
N LEU B 120 -11.83 -6.59 -2.96
CA LEU B 120 -12.00 -6.24 -4.39
C LEU B 120 -11.56 -7.35 -5.30
N CYS B 121 -12.20 -8.48 -5.21
CA CYS B 121 -11.67 -9.62 -5.91
C CYS B 121 -12.23 -9.71 -7.33
N GLN B 122 -11.60 -10.55 -8.15
CA GLN B 122 -12.07 -10.73 -9.53
C GLN B 122 -13.40 -11.43 -9.50
N GLY B 123 -14.29 -10.98 -10.34
CA GLY B 123 -15.67 -11.44 -10.36
C GLY B 123 -16.59 -10.51 -9.56
N PHE B 124 -16.06 -9.84 -8.53
CA PHE B 124 -16.86 -8.97 -7.76
C PHE B 124 -16.62 -7.52 -8.26
N ALA B 125 -15.35 -7.09 -8.22
CA ALA B 125 -15.03 -5.67 -8.39
C ALA B 125 -14.61 -5.36 -9.86
N PHE B 126 -14.17 -6.39 -10.55
CA PHE B 126 -13.72 -6.27 -11.98
C PHE B 126 -13.71 -7.69 -12.57
N ASP B 127 -13.59 -7.78 -13.87
CA ASP B 127 -13.28 -9.05 -14.52
C ASP B 127 -12.41 -8.71 -15.71
N ILE B 128 -11.93 -9.74 -16.36
CA ILE B 128 -11.06 -9.56 -17.50
C ILE B 128 -11.82 -10.23 -18.65
N PRO B 129 -12.37 -9.42 -19.58
CA PRO B 129 -12.47 -7.94 -19.58
C PRO B 129 -13.57 -7.45 -18.65
N GLY B 130 -13.59 -6.14 -18.38
CA GLY B 130 -14.50 -5.59 -17.41
C GLY B 130 -13.70 -4.84 -16.36
N PHE B 131 -12.95 -3.86 -16.79
CA PHE B 131 -12.19 -3.07 -15.81
C PHE B 131 -12.05 -1.65 -16.33
N TYR B 132 -11.45 -0.76 -15.52
CA TYR B 132 -11.49 0.68 -15.78
C TYR B 132 -12.93 1.09 -16.16
N ASP B 133 -13.16 1.76 -17.30
CA ASP B 133 -14.50 2.25 -17.54
C ASP B 133 -15.59 1.12 -17.54
N SER B 134 -15.20 -0.13 -17.77
CA SER B 134 -16.10 -1.27 -17.75
C SER B 134 -16.04 -2.08 -16.43
N GLY B 135 -15.29 -1.59 -15.45
CA GLY B 135 -15.28 -2.28 -14.15
C GLY B 135 -16.65 -2.51 -13.54
N LEU B 136 -16.72 -3.46 -12.59
CA LEU B 136 -18.03 -4.01 -12.19
C LEU B 136 -18.68 -3.10 -11.22
N LEU B 137 -17.93 -2.19 -10.59
CA LEU B 137 -18.54 -1.25 -9.64
C LEU B 137 -18.99 0.03 -10.31
N GLN B 138 -19.08 0.06 -11.65
CA GLN B 138 -19.63 1.25 -12.35
C GLN B 138 -20.97 1.78 -11.80
N GLY B 139 -21.12 3.09 -11.81
CA GLY B 139 -22.28 3.72 -11.18
C GLY B 139 -22.03 4.22 -9.77
N LYS B 140 -20.99 3.69 -9.12
CA LYS B 140 -20.63 4.02 -7.72
C LYS B 140 -19.64 5.13 -7.71
N LEU B 141 -19.68 5.94 -6.66
CA LEU B 141 -18.72 7.01 -6.43
C LEU B 141 -17.77 6.61 -5.32
N ALA B 142 -16.53 7.06 -5.39
CA ALA B 142 -15.61 6.86 -4.26
C ALA B 142 -14.88 8.16 -3.98
N LEU B 143 -14.47 8.31 -2.73
CA LEU B 143 -13.75 9.52 -2.33
C LEU B 143 -12.67 9.12 -1.31
N LEU B 144 -11.40 9.60 -1.46
CA LEU B 144 -10.41 9.40 -0.42
C LEU B 144 -10.36 10.67 0.50
N SER B 145 -10.56 10.51 1.80
CA SER B 145 -10.34 11.59 2.75
C SER B 145 -9.08 11.19 3.57
N VAL B 146 -8.00 11.93 3.37
CA VAL B 146 -6.68 11.51 3.72
C VAL B 146 -6.17 12.60 4.67
N THR B 147 -5.52 12.21 5.76
CA THR B 147 -4.81 13.19 6.62
C THR B 147 -3.30 12.94 6.43
N THR B 148 -2.43 13.96 6.64
CA THR B 148 -1.01 13.81 6.41
C THR B 148 -0.22 14.33 7.60
N GLY B 149 1.00 13.83 7.82
CA GLY B 149 1.93 14.67 8.61
C GLY B 149 2.56 15.87 7.91
N GLY B 150 2.90 15.72 6.64
CA GLY B 150 3.51 16.77 5.81
C GLY B 150 2.56 17.95 5.53
N THR B 151 3.12 19.17 5.38
CA THR B 151 2.24 20.32 5.12
C THR B 151 1.92 20.39 3.63
N ALA B 152 0.91 21.20 3.28
CA ALA B 152 0.53 21.41 1.89
C ALA B 152 1.73 21.86 1.05
N GLU B 153 2.59 22.72 1.62
CA GLU B 153 3.75 23.21 0.88
C GLU B 153 4.71 22.08 0.55
N MET B 154 4.90 21.19 1.53
CA MET B 154 5.72 20.00 1.29
C MET B 154 5.20 19.16 0.19
N TYR B 155 3.88 19.09 0.04
CA TYR B 155 3.28 18.35 -1.08
C TYR B 155 2.96 19.19 -2.30
N THR B 156 3.91 19.99 -2.75
CA THR B 156 3.79 20.65 -4.04
C THR B 156 4.87 20.12 -4.99
N LYS B 157 4.70 20.39 -6.28
CA LYS B 157 5.60 19.91 -7.32
C LYS B 157 7.07 20.21 -6.97
N THR B 158 7.33 21.40 -6.41
CA THR B 158 8.72 21.77 -6.12
C THR B 158 9.02 21.62 -4.64
N GLY B 159 8.12 20.92 -3.92
CA GLY B 159 8.26 20.63 -2.48
C GLY B 159 8.99 19.30 -2.36
N VAL B 160 9.38 18.92 -1.15
CA VAL B 160 10.22 17.72 -0.98
C VAL B 160 9.51 16.42 -1.34
N ASN B 161 8.23 16.41 -0.98
CA ASN B 161 7.40 15.24 -1.19
C ASN B 161 6.84 15.11 -2.61
N GLY B 162 6.97 16.19 -3.40
CA GLY B 162 6.28 16.27 -4.69
C GLY B 162 4.79 16.56 -4.46
N ASP B 163 4.07 16.67 -5.57
CA ASP B 163 2.68 17.05 -5.48
C ASP B 163 1.85 15.93 -4.83
N SER B 164 0.78 16.33 -4.13
CA SER B 164 -0.07 15.40 -3.42
C SER B 164 -0.70 14.48 -4.45
N ARG B 165 -1.05 14.99 -5.64
CA ARG B 165 -1.70 14.06 -6.57
C ARG B 165 -0.84 12.87 -6.96
N TYR B 166 0.49 13.01 -6.84
CA TYR B 166 1.36 11.90 -7.33
C TYR B 166 1.10 10.58 -6.54
N PHE B 167 0.92 10.74 -5.24
CA PHE B 167 0.67 9.59 -4.35
C PHE B 167 -0.79 9.10 -4.51
N LEU B 168 -1.66 9.90 -5.09
CA LEU B 168 -3.06 9.39 -5.26
C LEU B 168 -3.23 8.37 -6.35
N TRP B 169 -2.29 8.31 -7.29
CA TRP B 169 -2.44 7.54 -8.53
C TRP B 169 -2.73 6.02 -8.37
N PRO B 170 -1.95 5.32 -7.53
CA PRO B 170 -2.20 3.88 -7.32
C PRO B 170 -3.60 3.64 -6.72
N LEU B 171 -4.08 4.58 -5.91
CA LEU B 171 -5.36 4.35 -5.20
C LEU B 171 -6.48 4.85 -6.10
N GLN B 172 -6.38 6.08 -6.57
CA GLN B 172 -7.43 6.55 -7.43
C GLN B 172 -7.55 5.83 -8.76
N HIS B 173 -6.43 5.69 -9.46
CA HIS B 173 -6.51 5.12 -10.80
C HIS B 173 -6.35 3.63 -10.75
N GLY B 174 -5.30 3.18 -10.04
CA GLY B 174 -5.00 1.75 -10.15
C GLY B 174 -6.01 0.86 -9.42
N THR B 175 -6.70 1.41 -8.44
CA THR B 175 -7.68 0.59 -7.66
C THR B 175 -9.11 1.05 -7.98
N LEU B 176 -9.43 2.30 -7.66
CA LEU B 176 -10.82 2.73 -7.66
C LEU B 176 -11.33 2.81 -9.11
N HIS B 177 -10.62 3.52 -9.97
CA HIS B 177 -11.03 3.62 -11.43
C HIS B 177 -10.96 2.25 -12.04
N PHE B 178 -9.99 1.42 -11.62
CA PHE B 178 -9.87 0.11 -12.26
C PHE B 178 -11.14 -0.73 -12.06
N CYS B 179 -11.69 -0.62 -10.85
CA CYS B 179 -12.90 -1.29 -10.47
C CYS B 179 -14.18 -0.64 -11.05
N GLY B 180 -14.04 0.49 -11.71
CA GLY B 180 -15.17 1.12 -12.38
C GLY B 180 -15.80 2.25 -11.54
N PHE B 181 -15.28 2.56 -10.35
CA PHE B 181 -15.81 3.73 -9.60
C PHE B 181 -15.55 4.99 -10.41
N LYS B 182 -16.44 5.96 -10.25
CA LYS B 182 -16.11 7.34 -10.53
C LYS B 182 -15.54 7.96 -9.23
N VAL B 183 -14.47 8.70 -9.38
CA VAL B 183 -13.72 9.19 -8.25
C VAL B 183 -14.01 10.68 -8.05
N LEU B 184 -14.43 11.03 -6.85
CA LEU B 184 -14.64 12.42 -6.50
C LEU B 184 -13.32 12.97 -6.00
N ALA B 185 -13.19 14.28 -6.06
CA ALA B 185 -11.90 14.92 -5.76
C ALA B 185 -11.54 14.58 -4.30
N PRO B 186 -10.27 14.34 -4.03
CA PRO B 186 -9.93 13.87 -2.69
C PRO B 186 -10.11 14.99 -1.63
N GLN B 187 -10.38 14.63 -0.38
CA GLN B 187 -10.30 15.57 0.75
C GLN B 187 -8.99 15.37 1.43
N ILE B 188 -8.06 16.33 1.36
CA ILE B 188 -6.81 16.09 2.07
C ILE B 188 -6.70 17.10 3.16
N SER B 189 -6.56 16.63 4.37
CA SER B 189 -6.44 17.51 5.51
C SER B 189 -4.95 17.47 5.95
N PHE B 190 -4.21 18.52 5.59
CA PHE B 190 -2.73 18.58 5.78
C PHE B 190 -2.27 18.91 7.21
N ALA B 191 -1.39 18.07 7.76
CA ALA B 191 -0.62 18.40 8.99
C ALA B 191 -1.46 18.89 10.16
N PRO B 192 -2.51 18.12 10.48
CA PRO B 192 -3.33 18.48 11.64
C PRO B 192 -2.56 18.44 13.00
N GLU B 193 -1.45 17.70 13.10
CA GLU B 193 -0.67 17.77 14.35
C GLU B 193 0.07 19.15 14.51
N ILE B 194 0.40 19.81 13.40
CA ILE B 194 1.08 21.14 13.35
C ILE B 194 0.09 22.29 13.51
N ALA B 195 -1.04 22.20 12.79
CA ALA B 195 -2.09 23.23 12.78
C ALA B 195 -2.56 23.66 14.17
N SER B 196 -3.01 24.92 14.30
CA SER B 196 -3.58 25.43 15.55
C SER B 196 -4.99 24.88 15.86
N GLU B 197 -5.50 25.14 17.06
CA GLU B 197 -6.85 24.70 17.41
C GLU B 197 -7.96 25.26 16.50
N GLU B 198 -7.85 26.54 16.15
CA GLU B 198 -8.77 27.17 15.19
C GLU B 198 -8.66 26.49 13.80
N GLU B 199 -7.43 26.19 13.37
CA GLU B 199 -7.16 25.60 12.05
C GLU B 199 -7.69 24.15 11.96
N ARG B 200 -7.48 23.35 13.02
CA ARG B 200 -8.00 21.98 13.02
C ARG B 200 -9.50 22.01 12.94
N LYS B 201 -10.10 22.91 13.75
CA LYS B 201 -11.57 23.08 13.77
C LYS B 201 -12.09 23.49 12.43
N GLY B 202 -11.31 24.31 11.72
CA GLY B 202 -11.68 24.75 10.39
C GLY B 202 -11.56 23.61 9.38
N MET B 203 -10.61 22.71 9.60
CA MET B 203 -10.52 21.57 8.69
C MET B 203 -11.69 20.60 8.82
N VAL B 204 -12.10 20.30 10.04
CA VAL B 204 -13.27 19.46 10.30
C VAL B 204 -14.56 20.07 9.69
N ALA B 205 -14.80 21.34 9.94
CA ALA B 205 -15.96 22.02 9.38
C ALA B 205 -15.94 22.18 7.87
N ALA B 206 -14.77 22.38 7.24
CA ALA B 206 -14.61 22.36 5.77
C ALA B 206 -15.09 20.99 5.17
N TRP B 207 -14.74 19.89 5.83
CA TRP B 207 -15.27 18.60 5.42
C TRP B 207 -16.76 18.42 5.64
N SER B 208 -17.27 18.81 6.81
CA SER B 208 -18.74 18.78 7.05
C SER B 208 -19.46 19.63 6.01
N GLN B 209 -18.86 20.79 5.74
CA GLN B 209 -19.45 21.74 4.75
C GLN B 209 -19.41 21.15 3.31
N ARG B 210 -18.32 20.50 2.92
CA ARG B 210 -18.28 19.89 1.62
C ARG B 210 -19.38 18.81 1.52
N LEU B 211 -19.54 18.02 2.57
CA LEU B 211 -20.50 16.86 2.48
C LEU B 211 -21.94 17.33 2.30
N GLN B 212 -22.22 18.60 2.67
CA GLN B 212 -23.59 19.11 2.50
C GLN B 212 -24.03 19.05 1.04
N THR B 213 -23.05 19.21 0.15
CA THR B 213 -23.31 19.33 -1.28
C THR B 213 -22.62 18.22 -2.13
N ILE B 214 -22.28 17.11 -1.46
CA ILE B 214 -21.48 16.07 -2.12
C ILE B 214 -22.25 15.47 -3.30
N TRP B 215 -23.59 15.41 -3.26
CA TRP B 215 -24.33 14.66 -4.31
C TRP B 215 -24.45 15.53 -5.60
N LYS B 216 -24.08 16.80 -5.47
CA LYS B 216 -23.98 17.68 -6.64
C LYS B 216 -22.62 17.71 -7.36
N GLU B 217 -21.58 17.06 -6.81
CA GLU B 217 -20.23 17.10 -7.44
C GLU B 217 -20.13 16.24 -8.64
N GLU B 218 -19.23 16.60 -9.56
CA GLU B 218 -18.83 15.75 -10.62
C GLU B 218 -17.52 15.10 -10.23
N PRO B 219 -17.29 13.92 -10.79
CA PRO B 219 -16.06 13.15 -10.56
C PRO B 219 -14.88 13.87 -11.26
N ILE B 220 -13.66 13.59 -10.81
CA ILE B 220 -12.47 14.12 -11.51
C ILE B 220 -12.26 13.32 -12.77
N PRO B 221 -11.47 13.87 -13.71
CA PRO B 221 -11.05 13.05 -14.85
C PRO B 221 -9.84 12.22 -14.34
N CYS B 222 -10.03 10.92 -14.14
CA CYS B 222 -9.01 10.14 -13.43
C CYS B 222 -8.02 9.61 -14.48
N THR B 223 -7.17 10.52 -14.95
CA THR B 223 -6.23 10.32 -16.04
C THR B 223 -4.85 10.61 -15.53
N ALA B 224 -3.85 10.15 -16.27
CA ALA B 224 -2.46 10.58 -16.00
C ALA B 224 -2.27 12.11 -16.01
N HIS B 225 -2.95 12.82 -16.92
CA HIS B 225 -2.79 14.27 -17.01
C HIS B 225 -3.22 14.97 -15.71
N TRP B 226 -4.38 14.54 -15.15
CA TRP B 226 -4.88 15.13 -13.90
C TRP B 226 -3.81 14.93 -12.76
N HIS B 227 -3.21 13.76 -12.71
CA HIS B 227 -2.35 13.45 -11.60
C HIS B 227 -0.94 14.05 -11.75
N PHE B 228 -0.47 14.07 -12.98
CA PHE B 228 0.94 14.38 -13.21
C PHE B 228 1.22 15.71 -13.92
N GLY B 229 0.25 16.19 -14.70
CA GLY B 229 0.41 17.42 -15.48
C GLY B 229 1.09 17.05 -16.78
N GLN B 230 1.97 17.97 -17.23
CA GLN B 230 2.89 17.87 -18.41
C GLN B 230 2.27 17.61 -19.80
ZN ZN C . 13.42 9.84 -4.58
PA FAD D . 2.61 -17.55 -10.59
O1A FAD D . 1.17 -17.84 -11.00
O2A FAD D . 2.96 -18.24 -9.31
O5B FAD D . 3.65 -18.03 -11.73
C5B FAD D . 3.52 -17.98 -13.14
C4B FAD D . 3.94 -19.40 -13.59
O4B FAD D . 5.34 -19.62 -13.45
C3B FAD D . 3.29 -20.52 -12.76
O3B FAD D . 2.61 -21.40 -13.65
C2B FAD D . 4.42 -21.24 -12.02
O2B FAD D . 4.30 -22.63 -11.84
C1B FAD D . 5.53 -20.95 -12.99
N9A FAD D . 6.85 -21.08 -12.39
C8A FAD D . 7.24 -21.24 -11.08
N7A FAD D . 8.60 -21.29 -11.08
C5A FAD D . 9.05 -21.16 -12.36
C6A FAD D . 10.32 -21.15 -12.94
N6A FAD D . 11.39 -21.54 -12.24
N1A FAD D . 10.44 -20.98 -14.32
C2A FAD D . 9.33 -20.86 -15.12
N3A FAD D . 8.09 -20.88 -14.53
C4A FAD D . 7.96 -21.02 -13.19
N1 FAD D . -1.26 -7.09 -11.64
C2 FAD D . -1.00 -5.87 -12.14
O2 FAD D . -0.36 -5.73 -13.21
N3 FAD D . -1.40 -4.74 -11.46
C4 FAD D . -2.05 -4.84 -10.22
O4 FAD D . -2.36 -3.76 -9.65
C4X FAD D . -2.40 -6.10 -9.74
N5 FAD D . -3.12 -6.23 -8.53
C5X FAD D . -3.41 -7.47 -8.03
C6 FAD D . -4.11 -7.55 -6.76
C7 FAD D . -4.34 -8.81 -6.23
C7M FAD D . -5.08 -8.86 -4.90
C8 FAD D . -3.97 -9.98 -6.91
C8M FAD D . -4.28 -11.36 -6.33
C9 FAD D . -3.24 -9.87 -8.11
C9A FAD D . -3.01 -8.63 -8.67
N10 FAD D . -2.27 -8.50 -9.90
C10 FAD D . -1.96 -7.23 -10.40
C1' FAD D . -1.81 -9.77 -10.56
C2' FAD D . -0.44 -10.20 -9.91
O2' FAD D . 0.51 -9.12 -9.80
C3' FAD D . 0.09 -11.45 -10.63
O3' FAD D . -0.85 -12.48 -10.49
C4' FAD D . 1.41 -12.00 -10.06
O4' FAD D . 2.37 -11.00 -10.22
C5' FAD D . 1.98 -13.24 -10.79
O5' FAD D . 3.25 -13.68 -10.13
P FAD D . 3.14 -15.04 -9.35
O1P FAD D . 2.04 -15.12 -8.29
O2P FAD D . 4.45 -15.36 -8.68
O3P FAD D . 2.91 -15.99 -10.70
ZN ZN E . -8.13 6.80 -13.59
PA FAD F . -4.07 13.21 15.50
O1A FAD F . -5.09 12.49 16.22
O2A FAD F . -2.69 13.07 16.21
O5B FAD F . -4.64 14.73 15.57
C5B FAD F . -3.89 15.91 15.65
C4B FAD F . -4.69 16.73 16.66
O4B FAD F . -6.04 16.92 16.24
C3B FAD F . -4.72 16.05 18.03
O3B FAD F . -4.20 16.94 19.02
C2B FAD F . -6.18 15.81 18.26
O2B FAD F . -6.58 15.81 19.62
C1B FAD F . -6.78 16.92 17.43
N9A FAD F . -8.21 16.74 17.20
C8A FAD F . -8.90 15.55 17.19
N7A FAD F . -10.21 15.86 16.96
C5A FAD F . -10.31 17.21 16.77
C6A FAD F . -11.38 18.05 16.48
N6A FAD F . -12.61 17.53 16.39
N1A FAD F . -11.17 19.42 16.35
C2A FAD F . -9.93 19.97 16.52
N3A FAD F . -8.87 19.10 16.78
C4A FAD F . -9.07 17.78 16.93
N1 FAD F . 2.65 11.53 6.81
C2 FAD F . 2.93 11.98 5.55
O2 FAD F . 2.70 13.19 5.21
N3 FAD F . 3.35 11.10 4.57
C4 FAD F . 3.64 9.76 4.91
O4 FAD F . 4.03 9.05 3.96
C4X FAD F . 3.39 9.34 6.22
N5 FAD F . 3.67 8.03 6.62
C5X FAD F . 3.40 7.63 7.87
C6 FAD F . 3.69 6.28 8.19
C7 FAD F . 3.43 5.82 9.46
C7M FAD F . 3.70 4.35 9.80
C8 FAD F . 2.92 6.67 10.42
C8M FAD F . 2.62 6.21 11.83
C9 FAD F . 2.65 8.01 10.05
C9A FAD F . 2.91 8.49 8.82
N10 FAD F . 2.66 9.83 8.44
C10 FAD F . 2.88 10.18 7.14
C1' FAD F . 2.08 10.80 9.39
C2' FAD F . 0.49 10.57 9.47
O2' FAD F . -0.05 10.61 8.13
C3' FAD F . -0.11 11.62 10.39
O3' FAD F . 0.38 11.39 11.72
C4' FAD F . -1.69 11.44 10.41
O4' FAD F . -2.21 11.81 9.12
C5' FAD F . -2.34 12.48 11.32
O5' FAD F . -3.70 12.10 11.68
P FAD F . -4.26 11.74 13.10
O1P FAD F . -5.67 11.50 13.02
O2P FAD F . -3.56 10.58 13.75
O3P FAD F . -3.89 13.17 13.88
C1 MZX G . -3.92 -6.41 -13.91
C2 MZX G . -4.59 -6.43 -12.68
C3 MZX G . -4.97 -7.68 -12.15
C4 MZX G . -4.66 -8.86 -12.79
C5 MZX G . -3.98 -8.84 -14.02
C6 MZX G . -3.62 -7.61 -14.57
C7 MZX G . -4.98 -5.24 -11.88
C8 MZX G . -5.67 -5.44 -10.71
C9 MZX G . -5.97 -6.69 -10.28
N10 MZX G . -5.63 -7.77 -11.00
O11 MZX G . -3.54 -5.17 -14.42
O12 MZX G . -5.13 -9.98 -12.13
C13 MZX G . -4.65 -11.33 -12.24
C14 MZX G . -2.96 -4.93 -15.70
C15 MZX G . -4.73 -3.80 -12.18
O17 MZX G . -6.59 -6.80 -9.19
C1 MZX H . 5.84 13.62 6.84
C2 MZX H . 6.12 12.24 6.74
C3 MZX H . 5.99 11.51 7.89
C4 MZX H . 5.62 12.09 9.10
C5 MZX H . 5.34 13.44 9.24
C6 MZX H . 5.47 14.17 8.07
C7 MZX H . 6.53 11.46 5.52
C8 MZX H . 6.78 10.07 5.57
C9 MZX H . 6.62 9.48 6.82
N10 MZX H . 6.24 10.17 7.89
O11 MZX H . 5.87 14.63 5.89
O12 MZX H . 5.53 11.25 10.19
C13 MZX H . 5.91 9.88 9.92
C14 MZX H . 6.28 14.77 4.53
C15 MZX H . 6.71 12.18 4.23
O17 MZX H . 6.80 8.24 7.04
#